data_1MA3
#
_entry.id   1MA3
#
_cell.length_a   34.892
_cell.length_b   35.591
_cell.length_c   184.683
_cell.angle_alpha   90.00
_cell.angle_beta   90.00
_cell.angle_gamma   90.00
#
_symmetry.space_group_name_H-M   'P 21 21 21'
#
loop_
_entity.id
_entity.type
_entity.pdbx_description
1 polymer 'Transcriptional regulatory protein, Sir2 family'
2 polymer 'Cellular tumor antigen p53'
3 non-polymer 'ZINC ION'
4 non-polymer '2-(N-MORPHOLINO)-ETHANESULFONIC ACID'
5 water water
#
loop_
_entity_poly.entity_id
_entity_poly.type
_entity_poly.pdbx_seq_one_letter_code
_entity_poly.pdbx_strand_id
1 'polypeptide(L)'
;MEDEIRKAAEILAKSKHAVVFTGAGISAESGIPTFRGEDGLWRKYDPEEVASISGFKRNPRAFWEFSMEMKDKLFAEPNP
AHYAIAELERMGIVKAVITQNIDMLHQRAGSRRVLELHGSMDKLDCLDCHETYDWSEFVEDFNKGEIPRCRKCGSYYVKP
RVVLFGEPLPQRTLFEAIEEAKHCDAFMVVGSSLVVYPAAELPYIAKKAGAKMIIVNAEPTMADPIFDVKIIGKAGEVLP
KIVEEVKRLRSEK
;
A
2 'polypeptide(L)' KKGQSTSRHK(ALY)LMFKTEG B
#
loop_
_chem_comp.id
_chem_comp.type
_chem_comp.name
_chem_comp.formula
MES non-polymer '2-(N-MORPHOLINO)-ETHANESULFONIC ACID' 'C6 H13 N O4 S'
ZN non-polymer 'ZINC ION' 'Zn 2'
#
# COMPACT_ATOMS: atom_id res chain seq x y z
N MET A 1 15.54 -0.56 18.96
CA MET A 1 14.21 -1.12 18.60
C MET A 1 13.96 -2.43 19.32
N GLU A 2 14.97 -2.92 20.03
CA GLU A 2 14.85 -4.17 20.78
C GLU A 2 13.61 -4.07 21.68
N ASP A 3 13.58 -3.03 22.52
CA ASP A 3 12.48 -2.82 23.44
C ASP A 3 11.16 -2.58 22.70
N GLU A 4 11.22 -1.70 21.70
CA GLU A 4 10.03 -1.39 20.92
C GLU A 4 9.46 -2.62 20.23
N ILE A 5 10.32 -3.39 19.59
CA ILE A 5 9.91 -4.63 18.91
C ILE A 5 9.21 -5.55 19.89
N ARG A 6 9.77 -5.68 21.08
CA ARG A 6 9.17 -6.53 22.09
C ARG A 6 7.81 -6.00 22.49
N LYS A 7 7.73 -4.68 22.67
CA LYS A 7 6.48 -4.03 23.06
C LYS A 7 5.44 -4.17 21.95
N ALA A 8 5.88 -4.03 20.71
CA ALA A 8 4.96 -4.16 19.58
C ALA A 8 4.43 -5.59 19.55
N ALA A 9 5.31 -6.56 19.77
CA ALA A 9 4.91 -7.96 19.78
C ALA A 9 3.92 -8.24 20.92
N GLU A 10 4.11 -7.56 22.04
CA GLU A 10 3.22 -7.75 23.19
C GLU A 10 1.80 -7.24 22.94
N ILE A 11 1.70 -6.16 22.18
CA ILE A 11 0.39 -5.59 21.84
C ILE A 11 -0.36 -6.51 20.90
N LEU A 12 0.33 -6.95 19.85
CA LEU A 12 -0.28 -7.83 18.87
C LEU A 12 -0.69 -9.15 19.53
N ALA A 13 0.19 -9.69 20.36
CA ALA A 13 -0.10 -10.94 21.05
C ALA A 13 -1.44 -10.89 21.79
N LYS A 14 -1.69 -9.77 22.46
CA LYS A 14 -2.94 -9.62 23.22
C LYS A 14 -4.14 -9.16 22.41
N SER A 15 -3.90 -8.40 21.35
CA SER A 15 -4.99 -7.91 20.53
C SER A 15 -5.93 -9.03 20.09
N LYS A 16 -7.17 -8.66 19.76
CA LYS A 16 -8.17 -9.62 19.31
C LYS A 16 -8.53 -9.36 17.85
N HIS A 17 -8.26 -8.14 17.40
CA HIS A 17 -8.57 -7.76 16.02
C HIS A 17 -7.57 -6.70 15.51
N ALA A 18 -6.40 -7.14 15.08
CA ALA A 18 -5.37 -6.24 14.60
C ALA A 18 -5.48 -5.96 13.10
N VAL A 19 -5.11 -4.73 12.72
CA VAL A 19 -5.15 -4.32 11.34
C VAL A 19 -3.81 -3.73 10.95
N VAL A 20 -3.32 -4.10 9.77
CA VAL A 20 -2.06 -3.59 9.25
C VAL A 20 -2.34 -2.61 8.12
N PHE A 21 -1.54 -1.55 8.04
CA PHE A 21 -1.67 -0.49 7.04
C PHE A 21 -0.28 -0.30 6.45
N THR A 22 -0.13 -0.55 5.16
CA THR A 22 1.17 -0.45 4.51
C THR A 22 1.30 0.59 3.40
N GLY A 23 2.52 1.09 3.22
CA GLY A 23 2.79 2.06 2.18
C GLY A 23 3.94 1.64 1.28
N ALA A 24 4.40 2.56 0.45
CA ALA A 24 5.49 2.29 -0.48
C ALA A 24 6.76 1.88 0.27
N GLY A 25 6.93 2.42 1.48
CA GLY A 25 8.10 2.13 2.28
C GLY A 25 8.23 0.69 2.75
N ILE A 26 7.20 -0.11 2.55
CA ILE A 26 7.28 -1.51 2.98
C ILE A 26 8.45 -2.17 2.24
N SER A 27 8.76 -1.64 1.06
CA SER A 27 9.88 -2.13 0.26
C SER A 27 10.99 -1.09 0.38
N ALA A 28 12.15 -1.51 0.86
CA ALA A 28 13.28 -0.60 1.01
C ALA A 28 13.76 -0.13 -0.37
N GLU A 29 13.82 1.18 -0.56
CA GLU A 29 14.26 1.75 -1.83
C GLU A 29 14.81 3.16 -1.66
N GLY A 40 20.10 14.06 -11.76
CA GLY A 40 19.80 15.16 -10.84
C GLY A 40 19.11 14.67 -9.58
N LEU A 41 19.11 15.51 -8.55
CA LEU A 41 18.48 15.16 -7.28
C LEU A 41 16.99 14.92 -7.48
N TRP A 42 16.29 15.93 -7.98
CA TRP A 42 14.86 15.85 -8.24
C TRP A 42 14.58 14.76 -9.28
N ARG A 43 13.46 14.06 -9.11
CA ARG A 43 13.07 12.98 -10.00
C ARG A 43 12.68 13.48 -11.40
N LYS A 44 13.09 12.73 -12.42
CA LYS A 44 12.76 13.10 -13.78
C LYS A 44 11.25 13.09 -13.98
N TYR A 45 10.59 12.09 -13.41
CA TYR A 45 9.14 11.97 -13.50
C TYR A 45 8.52 12.26 -12.15
N ASP A 46 7.76 13.35 -12.06
CA ASP A 46 7.11 13.72 -10.83
C ASP A 46 5.77 12.97 -10.77
N PRO A 47 5.65 12.00 -9.86
CA PRO A 47 4.40 11.25 -9.79
C PRO A 47 3.12 12.07 -9.62
N GLU A 48 3.19 13.22 -8.97
CA GLU A 48 2.00 14.07 -8.79
C GLU A 48 1.55 14.68 -10.12
N GLU A 49 2.40 14.56 -11.14
CA GLU A 49 2.08 15.09 -12.45
C GLU A 49 1.84 13.97 -13.46
N VAL A 50 2.85 13.13 -13.69
CA VAL A 50 2.69 12.04 -14.66
C VAL A 50 1.70 10.98 -14.18
N ALA A 51 1.54 10.85 -12.87
CA ALA A 51 0.61 9.87 -12.31
C ALA A 51 -0.61 10.55 -11.70
N SER A 52 -1.04 11.64 -12.33
CA SER A 52 -2.23 12.38 -11.90
C SER A 52 -3.22 12.16 -13.03
N ILE A 53 -4.51 12.22 -12.74
CA ILE A 53 -5.50 12.02 -13.79
C ILE A 53 -5.44 13.14 -14.84
N SER A 54 -5.19 14.38 -14.41
CA SER A 54 -5.11 15.47 -15.39
C SER A 54 -3.91 15.22 -16.30
N GLY A 55 -2.81 14.75 -15.72
CA GLY A 55 -1.64 14.48 -16.50
C GLY A 55 -1.87 13.35 -17.51
N PHE A 56 -2.52 12.28 -17.04
CA PHE A 56 -2.81 11.13 -17.89
C PHE A 56 -3.76 11.47 -19.04
N LYS A 57 -4.78 12.28 -18.76
CA LYS A 57 -5.74 12.66 -19.80
C LYS A 57 -5.11 13.60 -20.81
N ARG A 58 -3.90 14.04 -20.52
CA ARG A 58 -3.22 14.97 -21.40
C ARG A 58 -1.98 14.33 -22.04
N ASN A 59 -1.33 13.44 -21.29
CA ASN A 59 -0.12 12.79 -21.79
C ASN A 59 -0.01 11.37 -21.24
N PRO A 60 -0.87 10.45 -21.74
CA PRO A 60 -0.92 9.04 -21.33
C PRO A 60 0.42 8.32 -21.41
N ARG A 61 1.21 8.65 -22.44
CA ARG A 61 2.51 8.03 -22.64
C ARG A 61 3.50 8.39 -21.53
N ALA A 62 3.34 9.57 -20.95
CA ALA A 62 4.24 9.99 -19.87
C ALA A 62 4.02 9.08 -18.66
N PHE A 63 2.77 8.68 -18.43
CA PHE A 63 2.44 7.79 -17.32
C PHE A 63 3.12 6.44 -17.47
N TRP A 64 3.08 5.91 -18.69
CA TRP A 64 3.68 4.62 -18.98
C TRP A 64 5.20 4.64 -18.98
N GLU A 65 5.77 5.76 -19.45
CA GLU A 65 7.22 5.89 -19.47
C GLU A 65 7.69 5.89 -18.03
N PHE A 66 6.91 6.52 -17.17
CA PHE A 66 7.19 6.61 -15.73
C PHE A 66 7.13 5.22 -15.08
N SER A 67 6.13 4.44 -15.46
CA SER A 67 5.96 3.10 -14.94
C SER A 67 7.16 2.23 -15.33
N MET A 68 7.56 2.32 -16.60
CA MET A 68 8.70 1.55 -17.09
C MET A 68 9.97 1.90 -16.30
N GLU A 69 10.13 3.17 -15.95
CA GLU A 69 11.31 3.55 -15.17
C GLU A 69 11.23 2.92 -13.79
N MET A 70 10.01 2.59 -13.36
CA MET A 70 9.77 1.98 -12.06
C MET A 70 9.49 0.49 -12.20
N LYS A 71 9.92 -0.10 -13.32
CA LYS A 71 9.70 -1.50 -13.60
C LYS A 71 10.20 -2.45 -12.49
N ASP A 72 11.39 -2.18 -11.99
CA ASP A 72 11.96 -3.01 -10.95
C ASP A 72 11.01 -3.10 -9.75
N LYS A 73 10.36 -2.00 -9.42
CA LYS A 73 9.43 -1.98 -8.30
C LYS A 73 8.10 -2.63 -8.67
N LEU A 74 7.66 -2.43 -9.92
CA LEU A 74 6.41 -3.03 -10.37
C LEU A 74 6.54 -4.55 -10.53
N PHE A 75 7.76 -5.00 -10.81
CA PHE A 75 8.02 -6.43 -10.98
C PHE A 75 8.67 -7.01 -9.74
N ALA A 76 8.64 -6.26 -8.65
CA ALA A 76 9.25 -6.73 -7.41
C ALA A 76 8.43 -7.90 -6.89
N GLU A 77 9.08 -8.74 -6.11
CA GLU A 77 8.44 -9.91 -5.55
C GLU A 77 8.35 -9.72 -4.03
N PRO A 78 7.46 -10.47 -3.35
CA PRO A 78 7.28 -10.37 -1.89
C PRO A 78 8.56 -10.41 -1.06
N ASN A 79 8.68 -9.50 -0.10
CA ASN A 79 9.84 -9.47 0.78
C ASN A 79 9.46 -10.05 2.16
N PRO A 80 10.43 -10.16 3.08
CA PRO A 80 10.10 -10.70 4.40
C PRO A 80 8.96 -10.01 5.16
N ALA A 81 8.75 -8.72 4.92
CA ALA A 81 7.69 -8.00 5.60
C ALA A 81 6.32 -8.52 5.15
N HIS A 82 6.16 -8.80 3.85
CA HIS A 82 4.89 -9.32 3.34
C HIS A 82 4.63 -10.70 3.92
N TYR A 83 5.68 -11.52 4.00
CA TYR A 83 5.51 -12.87 4.54
C TYR A 83 5.22 -12.81 6.04
N ALA A 84 5.86 -11.89 6.74
CA ALA A 84 5.62 -11.73 8.17
C ALA A 84 4.16 -11.36 8.40
N ILE A 85 3.67 -10.41 7.61
CA ILE A 85 2.28 -9.96 7.72
C ILE A 85 1.31 -11.08 7.38
N ALA A 86 1.63 -11.89 6.37
CA ALA A 86 0.76 -13.01 6.00
C ALA A 86 0.74 -14.03 7.14
N GLU A 87 1.87 -14.17 7.84
CA GLU A 87 1.97 -15.09 8.97
C GLU A 87 1.09 -14.65 10.14
N LEU A 88 1.10 -13.35 10.42
CA LEU A 88 0.30 -12.81 11.51
C LEU A 88 -1.19 -13.05 11.28
N GLU A 89 -1.61 -13.02 10.02
CA GLU A 89 -3.01 -13.26 9.68
C GLU A 89 -3.31 -14.75 9.88
N ARG A 90 -2.38 -15.59 9.42
CA ARG A 90 -2.53 -17.04 9.54
C ARG A 90 -2.69 -17.42 11.00
N MET A 91 -2.02 -16.68 11.88
CA MET A 91 -2.10 -16.92 13.31
C MET A 91 -3.38 -16.32 13.88
N GLY A 92 -4.18 -15.70 13.01
CA GLY A 92 -5.42 -15.09 13.44
C GLY A 92 -5.26 -13.79 14.21
N ILE A 93 -4.04 -13.27 14.26
CA ILE A 93 -3.79 -12.01 14.97
C ILE A 93 -4.14 -10.82 14.09
N VAL A 94 -3.77 -10.89 12.81
CA VAL A 94 -4.07 -9.81 11.87
C VAL A 94 -5.31 -10.24 11.06
N LYS A 95 -6.35 -9.42 11.13
CA LYS A 95 -7.62 -9.72 10.44
C LYS A 95 -7.83 -8.94 9.15
N ALA A 96 -6.99 -7.95 8.88
CA ALA A 96 -7.11 -7.17 7.66
C ALA A 96 -5.86 -6.36 7.37
N VAL A 97 -5.54 -6.24 6.08
CA VAL A 97 -4.39 -5.48 5.64
C VAL A 97 -4.86 -4.37 4.71
N ILE A 98 -4.68 -3.12 5.13
CA ILE A 98 -5.07 -1.99 4.29
C ILE A 98 -3.76 -1.55 3.63
N THR A 99 -3.76 -1.40 2.31
CA THR A 99 -2.56 -0.98 1.62
C THR A 99 -2.81 0.10 0.59
N GLN A 100 -1.80 0.94 0.39
CA GLN A 100 -1.86 2.01 -0.60
C GLN A 100 -1.15 1.47 -1.82
N ASN A 101 -0.60 0.26 -1.68
CA ASN A 101 0.15 -0.36 -2.76
C ASN A 101 -0.72 -1.03 -3.82
N ILE A 102 -0.20 -1.07 -5.05
CA ILE A 102 -0.94 -1.60 -6.19
C ILE A 102 -0.27 -2.78 -6.89
N ASP A 103 0.69 -3.41 -6.23
CA ASP A 103 1.40 -4.53 -6.82
C ASP A 103 0.87 -5.91 -6.41
N MET A 104 -0.09 -5.95 -5.49
CA MET A 104 -0.69 -7.20 -5.03
C MET A 104 0.32 -8.13 -4.36
N LEU A 105 1.36 -7.56 -3.78
CA LEU A 105 2.38 -8.36 -3.11
C LEU A 105 1.88 -9.01 -1.82
N HIS A 106 0.86 -8.43 -1.20
CA HIS A 106 0.31 -9.00 0.02
C HIS A 106 -0.35 -10.33 -0.31
N GLN A 107 -1.21 -10.32 -1.33
CA GLN A 107 -1.88 -11.54 -1.76
C GLN A 107 -0.85 -12.55 -2.25
N ARG A 108 0.10 -12.09 -3.05
CA ARG A 108 1.13 -12.98 -3.57
C ARG A 108 1.98 -13.61 -2.47
N ALA A 109 1.97 -13.00 -1.28
CA ALA A 109 2.73 -13.51 -0.14
C ALA A 109 1.88 -14.45 0.70
N GLY A 110 0.56 -14.35 0.58
CA GLY A 110 -0.31 -15.22 1.35
C GLY A 110 -1.45 -14.56 2.09
N SER A 111 -1.48 -13.23 2.11
CA SER A 111 -2.56 -12.50 2.79
C SER A 111 -3.86 -12.70 2.01
N ARG A 112 -4.97 -12.81 2.73
CA ARG A 112 -6.26 -13.02 2.09
C ARG A 112 -7.13 -11.77 2.08
N ARG A 113 -7.33 -11.17 3.26
CA ARG A 113 -8.17 -9.99 3.37
C ARG A 113 -7.34 -8.73 3.13
N VAL A 114 -7.17 -8.37 1.87
CA VAL A 114 -6.39 -7.20 1.50
C VAL A 114 -7.29 -6.13 0.88
N LEU A 115 -7.31 -4.95 1.50
CA LEU A 115 -8.11 -3.83 1.03
C LEU A 115 -7.21 -2.85 0.27
N GLU A 116 -7.30 -2.90 -1.05
CA GLU A 116 -6.49 -2.08 -1.94
C GLU A 116 -7.10 -0.69 -2.16
N LEU A 117 -6.76 0.22 -1.27
CA LEU A 117 -7.23 1.60 -1.30
C LEU A 117 -7.08 2.29 -2.65
N HIS A 118 -5.97 2.02 -3.33
CA HIS A 118 -5.67 2.64 -4.61
C HIS A 118 -5.75 1.71 -5.81
N GLY A 119 -6.52 0.63 -5.69
CA GLY A 119 -6.65 -0.31 -6.80
C GLY A 119 -5.43 -1.20 -7.03
N SER A 120 -5.22 -1.62 -8.28
CA SER A 120 -4.09 -2.47 -8.65
C SER A 120 -3.92 -2.55 -10.17
N MET A 121 -2.71 -2.92 -10.61
CA MET A 121 -2.38 -3.04 -12.03
C MET A 121 -3.11 -4.19 -12.74
N ASP A 122 -3.76 -5.03 -11.96
CA ASP A 122 -4.48 -6.19 -12.48
C ASP A 122 -5.39 -5.98 -13.68
N LYS A 123 -6.23 -4.95 -13.63
CA LYS A 123 -7.17 -4.66 -14.73
C LYS A 123 -6.92 -3.30 -15.35
N LEU A 124 -7.21 -3.18 -16.64
CA LEU A 124 -7.03 -1.92 -17.36
C LEU A 124 -8.22 -1.67 -18.29
N ASP A 125 -8.46 -0.40 -18.60
CA ASP A 125 -9.55 0.02 -19.47
C ASP A 125 -9.07 1.04 -20.50
N CYS A 126 -9.64 0.99 -21.70
CA CYS A 126 -9.31 1.99 -22.70
C CYS A 126 -10.31 3.10 -22.46
N LEU A 127 -9.80 4.30 -22.19
CA LEU A 127 -10.68 5.44 -21.92
C LEU A 127 -11.54 5.87 -23.10
N ASP A 128 -11.05 5.62 -24.32
CA ASP A 128 -11.77 6.02 -25.53
C ASP A 128 -12.86 5.05 -25.98
N CYS A 129 -12.54 3.76 -26.12
CA CYS A 129 -13.55 2.82 -26.55
C CYS A 129 -14.09 1.93 -25.42
N HIS A 130 -13.53 2.09 -24.23
CA HIS A 130 -13.97 1.34 -23.05
C HIS A 130 -13.62 -0.15 -22.99
N GLU A 131 -12.75 -0.61 -23.88
CA GLU A 131 -12.36 -2.02 -23.86
C GLU A 131 -11.63 -2.28 -22.55
N THR A 132 -11.93 -3.39 -21.88
CA THR A 132 -11.25 -3.73 -20.63
C THR A 132 -10.18 -4.78 -20.91
N TYR A 133 -9.09 -4.72 -20.15
CA TYR A 133 -8.00 -5.66 -20.32
C TYR A 133 -7.44 -6.16 -18.99
N ASP A 134 -6.71 -7.27 -19.08
CA ASP A 134 -6.03 -7.86 -17.94
C ASP A 134 -4.58 -7.41 -18.13
N TRP A 135 -3.87 -7.16 -17.04
CA TRP A 135 -2.47 -6.73 -17.11
C TRP A 135 -1.63 -7.73 -17.91
N SER A 136 -1.97 -9.02 -17.85
CA SER A 136 -1.26 -10.07 -18.57
C SER A 136 -1.24 -9.84 -20.07
N GLU A 137 -2.14 -9.02 -20.58
CA GLU A 137 -2.20 -8.76 -22.01
C GLU A 137 -1.22 -7.68 -22.47
N PHE A 138 -0.66 -6.93 -21.53
CA PHE A 138 0.28 -5.86 -21.88
C PHE A 138 1.65 -5.98 -21.25
N VAL A 139 1.77 -6.76 -20.18
CA VAL A 139 3.05 -6.89 -19.48
C VAL A 139 4.26 -7.25 -20.34
N GLU A 140 4.06 -8.08 -21.36
CA GLU A 140 5.17 -8.47 -22.22
C GLU A 140 5.63 -7.32 -23.11
N ASP A 141 4.69 -6.48 -23.54
CA ASP A 141 5.03 -5.32 -24.37
C ASP A 141 5.72 -4.33 -23.46
N PHE A 142 5.12 -4.11 -22.29
CA PHE A 142 5.64 -3.19 -21.28
C PHE A 142 7.08 -3.53 -20.90
N ASN A 143 7.39 -4.82 -20.87
CA ASN A 143 8.72 -5.29 -20.49
C ASN A 143 9.78 -4.95 -21.53
N LYS A 144 9.39 -4.86 -22.80
CA LYS A 144 10.36 -4.53 -23.84
C LYS A 144 10.33 -3.05 -24.21
N GLY A 145 9.66 -2.25 -23.39
CA GLY A 145 9.61 -0.82 -23.65
C GLY A 145 8.53 -0.37 -24.62
N GLU A 146 7.59 -1.25 -24.92
CA GLU A 146 6.51 -0.88 -25.81
C GLU A 146 5.35 -0.39 -24.97
N ILE A 147 4.92 0.85 -25.21
CA ILE A 147 3.83 1.44 -24.47
C ILE A 147 2.49 0.80 -24.81
N PRO A 148 1.78 0.30 -23.80
CA PRO A 148 0.48 -0.32 -24.09
C PRO A 148 -0.48 0.61 -24.85
N ARG A 149 -1.15 0.04 -25.85
CA ARG A 149 -2.10 0.77 -26.66
C ARG A 149 -3.29 -0.14 -26.93
N CYS A 150 -4.48 0.44 -26.97
CA CYS A 150 -5.68 -0.35 -27.19
C CYS A 150 -5.61 -1.12 -28.51
N ARG A 151 -5.77 -2.44 -28.43
CA ARG A 151 -5.74 -3.30 -29.61
C ARG A 151 -7.02 -3.16 -30.43
N LYS A 152 -7.99 -2.43 -29.90
CA LYS A 152 -9.26 -2.23 -30.58
C LYS A 152 -9.34 -0.93 -31.37
N CYS A 153 -9.06 0.20 -30.72
CA CYS A 153 -9.14 1.49 -31.39
C CYS A 153 -7.80 2.21 -31.57
N GLY A 154 -6.72 1.64 -31.02
CA GLY A 154 -5.41 2.25 -31.16
C GLY A 154 -5.10 3.40 -30.20
N SER A 155 -5.99 3.66 -29.25
CA SER A 155 -5.78 4.73 -28.28
C SER A 155 -4.67 4.47 -27.29
N TYR A 156 -3.96 5.54 -26.91
CA TYR A 156 -2.88 5.48 -25.93
C TYR A 156 -3.45 5.65 -24.53
N TYR A 157 -4.76 5.87 -24.44
CA TYR A 157 -5.39 6.05 -23.13
C TYR A 157 -5.79 4.74 -22.47
N VAL A 158 -4.83 3.83 -22.34
CA VAL A 158 -5.07 2.56 -21.67
C VAL A 158 -4.71 2.81 -20.22
N LYS A 159 -5.75 2.94 -19.39
CA LYS A 159 -5.55 3.23 -17.98
C LYS A 159 -5.73 2.05 -17.04
N PRO A 160 -4.72 1.77 -16.21
CA PRO A 160 -4.90 0.64 -15.28
C PRO A 160 -5.87 1.07 -14.18
N ARG A 161 -6.56 0.13 -13.56
CA ARG A 161 -7.50 0.49 -12.50
C ARG A 161 -6.81 0.79 -11.17
N VAL A 162 -5.90 1.76 -11.21
CA VAL A 162 -5.21 2.20 -10.02
C VAL A 162 -5.62 3.67 -9.86
N VAL A 163 -5.75 4.10 -8.62
CA VAL A 163 -6.14 5.47 -8.32
C VAL A 163 -4.97 6.43 -8.57
N LEU A 164 -5.13 7.35 -9.52
CA LEU A 164 -4.09 8.35 -9.80
C LEU A 164 -4.35 9.56 -8.93
N PHE A 165 -3.35 10.41 -8.75
CA PHE A 165 -3.54 11.62 -7.94
C PHE A 165 -4.64 12.43 -8.62
N GLY A 166 -5.61 12.89 -7.83
CA GLY A 166 -6.69 13.67 -8.40
C GLY A 166 -7.91 12.80 -8.68
N GLU A 167 -7.78 11.50 -8.47
CA GLU A 167 -8.90 10.57 -8.69
C GLU A 167 -9.52 10.10 -7.38
N PRO A 168 -10.84 9.89 -7.37
CA PRO A 168 -11.49 9.42 -6.14
C PRO A 168 -11.21 7.94 -5.90
N LEU A 169 -10.97 7.59 -4.64
CA LEU A 169 -10.69 6.19 -4.30
C LEU A 169 -12.00 5.40 -4.40
N PRO A 170 -11.91 4.08 -4.66
CA PRO A 170 -13.11 3.24 -4.78
C PRO A 170 -13.86 3.23 -3.45
N GLN A 171 -15.12 3.64 -3.48
CA GLN A 171 -15.93 3.70 -2.27
C GLN A 171 -16.12 2.38 -1.53
N ARG A 172 -16.27 1.29 -2.27
CA ARG A 172 -16.45 -0.02 -1.63
C ARG A 172 -15.29 -0.32 -0.71
N THR A 173 -14.08 -0.25 -1.25
CA THR A 173 -12.88 -0.52 -0.48
C THR A 173 -12.71 0.49 0.65
N LEU A 174 -12.92 1.77 0.35
CA LEU A 174 -12.78 2.82 1.34
C LEU A 174 -13.65 2.58 2.57
N PHE A 175 -14.90 2.15 2.36
CA PHE A 175 -15.80 1.87 3.48
C PHE A 175 -15.26 0.75 4.37
N GLU A 176 -14.96 -0.40 3.78
CA GLU A 176 -14.45 -1.53 4.56
C GLU A 176 -13.17 -1.16 5.33
N ALA A 177 -12.31 -0.35 4.72
CA ALA A 177 -11.08 0.04 5.38
C ALA A 177 -11.41 0.90 6.59
N ILE A 178 -12.37 1.81 6.42
CA ILE A 178 -12.80 2.68 7.50
C ILE A 178 -13.34 1.85 8.67
N GLU A 179 -14.19 0.88 8.36
CA GLU A 179 -14.76 0.02 9.41
C GLU A 179 -13.69 -0.80 10.14
N GLU A 180 -12.73 -1.32 9.40
CA GLU A 180 -11.67 -2.10 10.01
C GLU A 180 -10.96 -1.23 11.04
N ALA A 181 -10.72 0.02 10.68
CA ALA A 181 -10.07 0.97 11.57
C ALA A 181 -10.98 1.29 12.75
N LYS A 182 -12.28 1.42 12.47
CA LYS A 182 -13.23 1.74 13.53
C LYS A 182 -13.43 0.62 14.54
N HIS A 183 -13.13 -0.62 14.13
CA HIS A 183 -13.34 -1.75 15.03
C HIS A 183 -12.12 -2.60 15.41
N CYS A 184 -10.92 -2.14 15.08
CA CYS A 184 -9.73 -2.90 15.42
C CYS A 184 -9.27 -2.53 16.81
N ASP A 185 -8.52 -3.40 17.48
CA ASP A 185 -8.04 -3.08 18.81
C ASP A 185 -6.53 -2.84 18.78
N ALA A 186 -5.97 -2.94 17.58
CA ALA A 186 -4.54 -2.73 17.35
C ALA A 186 -4.37 -2.32 15.88
N PHE A 187 -3.64 -1.25 15.63
CA PHE A 187 -3.44 -0.75 14.28
C PHE A 187 -1.95 -0.52 14.06
N MET A 188 -1.37 -1.23 13.11
CA MET A 188 0.05 -1.09 12.85
C MET A 188 0.36 -0.56 11.47
N VAL A 189 1.06 0.58 11.43
CA VAL A 189 1.44 1.18 10.17
C VAL A 189 2.80 0.61 9.77
N VAL A 190 2.92 0.16 8.52
CA VAL A 190 4.17 -0.40 8.04
C VAL A 190 4.60 0.25 6.72
N GLY A 191 5.71 0.97 6.77
CA GLY A 191 6.23 1.60 5.58
C GLY A 191 5.36 2.68 4.95
N SER A 192 4.77 3.54 5.77
CA SER A 192 3.96 4.62 5.22
C SER A 192 4.34 5.95 5.85
N SER A 193 4.74 6.91 5.02
CA SER A 193 5.12 8.21 5.52
C SER A 193 3.88 9.01 5.89
N LEU A 194 2.71 8.43 5.58
CA LEU A 194 1.43 9.06 5.88
C LEU A 194 1.29 10.48 5.34
N VAL A 195 1.59 10.66 4.05
CA VAL A 195 1.45 11.97 3.43
C VAL A 195 0.50 11.87 2.25
N VAL A 196 -0.10 10.70 2.07
CA VAL A 196 -1.06 10.49 0.99
C VAL A 196 -2.46 10.36 1.59
N TYR A 197 -3.38 11.21 1.15
CA TYR A 197 -4.76 11.20 1.65
C TYR A 197 -5.77 10.79 0.58
N PRO A 198 -6.96 10.33 1.00
CA PRO A 198 -7.38 10.20 2.40
C PRO A 198 -6.80 9.02 3.21
N ALA A 199 -6.04 8.14 2.58
CA ALA A 199 -5.48 7.00 3.30
C ALA A 199 -4.83 7.35 4.63
N ALA A 200 -4.07 8.44 4.66
CA ALA A 200 -3.38 8.87 5.88
C ALA A 200 -4.31 9.17 7.06
N GLU A 201 -5.61 9.26 6.79
CA GLU A 201 -6.57 9.53 7.85
C GLU A 201 -6.98 8.27 8.63
N LEU A 202 -6.79 7.10 8.02
CA LEU A 202 -7.16 5.83 8.68
C LEU A 202 -6.50 5.57 10.03
N PRO A 203 -5.21 5.89 10.18
CA PRO A 203 -4.61 5.63 11.50
C PRO A 203 -5.31 6.48 12.58
N TYR A 204 -5.69 7.70 12.23
CA TYR A 204 -6.36 8.60 13.16
C TYR A 204 -7.75 8.08 13.54
N ILE A 205 -8.44 7.46 12.59
CA ILE A 205 -9.75 6.89 12.86
C ILE A 205 -9.59 5.76 13.89
N ALA A 206 -8.52 4.98 13.73
CA ALA A 206 -8.25 3.89 14.64
C ALA A 206 -7.84 4.44 16.01
N LYS A 207 -7.08 5.53 16.00
CA LYS A 207 -6.62 6.15 17.23
C LYS A 207 -7.85 6.63 18.00
N LYS A 208 -8.80 7.19 17.25
CA LYS A 208 -10.05 7.69 17.80
C LYS A 208 -10.86 6.53 18.39
N ALA A 209 -10.72 5.36 17.78
CA ALA A 209 -11.44 4.17 18.21
C ALA A 209 -10.87 3.56 19.48
N GLY A 210 -9.69 4.01 19.87
CA GLY A 210 -9.07 3.49 21.09
C GLY A 210 -8.13 2.33 20.83
N ALA A 211 -7.86 2.03 19.57
CA ALA A 211 -6.95 0.93 19.26
C ALA A 211 -5.53 1.27 19.71
N LYS A 212 -4.74 0.24 19.97
CA LYS A 212 -3.34 0.44 20.36
C LYS A 212 -2.62 0.71 19.04
N MET A 213 -1.75 1.72 19.03
CA MET A 213 -1.07 2.11 17.80
C MET A 213 0.41 1.77 17.69
N ILE A 214 0.80 1.25 16.54
CA ILE A 214 2.17 0.89 16.28
C ILE A 214 2.60 1.39 14.90
N ILE A 215 3.82 1.89 14.80
CA ILE A 215 4.34 2.36 13.52
C ILE A 215 5.79 1.93 13.31
N VAL A 216 6.04 1.35 12.15
CA VAL A 216 7.36 0.89 11.73
C VAL A 216 7.63 1.63 10.43
N ASN A 217 8.60 2.53 10.44
CA ASN A 217 8.90 3.32 9.26
C ASN A 217 10.37 3.72 9.23
N ALA A 218 10.93 3.83 8.03
CA ALA A 218 12.33 4.23 7.89
C ALA A 218 12.55 5.62 8.49
N GLU A 219 11.57 6.50 8.32
CA GLU A 219 11.65 7.86 8.86
C GLU A 219 10.45 8.20 9.73
N PRO A 220 10.57 9.27 10.54
CA PRO A 220 9.46 9.69 11.42
C PRO A 220 8.38 10.35 10.58
N THR A 221 7.16 10.39 11.09
CA THR A 221 6.06 11.03 10.40
C THR A 221 5.41 12.06 11.31
N MET A 222 4.57 12.91 10.74
CA MET A 222 3.89 13.94 11.49
C MET A 222 2.80 13.37 12.39
N ALA A 223 2.51 12.07 12.22
CA ALA A 223 1.49 11.41 13.02
C ALA A 223 2.11 10.63 14.18
N ASP A 224 3.43 10.51 14.17
CA ASP A 224 4.16 9.78 15.20
C ASP A 224 3.67 9.97 16.63
N PRO A 225 3.34 11.21 17.03
CA PRO A 225 2.86 11.50 18.39
C PRO A 225 1.69 10.66 18.91
N ILE A 226 0.85 10.14 18.01
CA ILE A 226 -0.30 9.36 18.44
C ILE A 226 -0.06 7.85 18.56
N PHE A 227 1.15 7.39 18.24
CA PHE A 227 1.46 5.97 18.33
C PHE A 227 1.99 5.57 19.69
N ASP A 228 1.59 4.40 20.16
CA ASP A 228 2.02 3.90 21.45
C ASP A 228 3.42 3.30 21.37
N VAL A 229 3.78 2.82 20.18
CA VAL A 229 5.09 2.23 19.94
C VAL A 229 5.56 2.67 18.57
N LYS A 230 6.75 3.28 18.53
CA LYS A 230 7.33 3.76 17.29
C LYS A 230 8.66 3.06 17.00
N ILE A 231 8.83 2.60 15.77
CA ILE A 231 10.06 1.92 15.38
C ILE A 231 10.60 2.49 14.08
N ILE A 232 11.87 2.88 14.11
CA ILE A 232 12.57 3.41 12.94
C ILE A 232 13.40 2.27 12.38
N GLY A 233 13.20 1.95 11.10
CA GLY A 233 13.95 0.87 10.48
C GLY A 233 13.29 0.35 9.21
N LYS A 234 13.91 -0.65 8.59
CA LYS A 234 13.38 -1.25 7.37
C LYS A 234 12.32 -2.29 7.74
N ALA A 235 11.17 -2.24 7.07
CA ALA A 235 10.09 -3.19 7.35
C ALA A 235 10.56 -4.63 7.20
N GLY A 236 11.20 -4.93 6.07
CA GLY A 236 11.70 -6.27 5.81
C GLY A 236 12.62 -6.84 6.86
N GLU A 237 13.18 -5.99 7.72
CA GLU A 237 14.08 -6.46 8.77
C GLU A 237 13.35 -6.41 10.11
N VAL A 238 12.48 -5.42 10.28
CA VAL A 238 11.73 -5.25 11.52
C VAL A 238 10.59 -6.26 11.70
N LEU A 239 9.72 -6.36 10.70
CA LEU A 239 8.57 -7.25 10.80
C LEU A 239 8.84 -8.68 11.23
N PRO A 240 9.75 -9.39 10.54
CA PRO A 240 10.00 -10.76 10.97
C PRO A 240 10.41 -10.84 12.45
N LYS A 241 11.20 -9.86 12.89
CA LYS A 241 11.64 -9.82 14.29
C LYS A 241 10.42 -9.79 15.19
N ILE A 242 9.45 -8.94 14.85
CA ILE A 242 8.24 -8.84 15.66
C ILE A 242 7.50 -10.17 15.68
N VAL A 243 7.23 -10.70 14.49
CA VAL A 243 6.52 -11.97 14.34
C VAL A 243 7.15 -13.10 15.14
N GLU A 244 8.48 -13.17 15.16
CA GLU A 244 9.19 -14.20 15.91
C GLU A 244 8.95 -14.01 17.40
N GLU A 245 8.88 -12.77 17.85
CA GLU A 245 8.63 -12.50 19.26
C GLU A 245 7.17 -12.76 19.59
N VAL A 246 6.31 -12.75 18.57
CA VAL A 246 4.89 -13.02 18.79
C VAL A 246 4.69 -14.53 18.94
N LYS A 247 5.46 -15.30 18.18
CA LYS A 247 5.37 -16.77 18.24
C LYS A 247 5.71 -17.24 19.65
N ARG A 248 6.78 -16.69 20.22
CA ARG A 248 7.18 -17.05 21.56
C ARG A 248 6.08 -16.75 22.57
N LEU A 249 5.37 -15.66 22.33
CA LEU A 249 4.28 -15.27 23.23
C LEU A 249 3.05 -16.18 23.09
N ARG A 250 3.06 -17.01 22.06
CA ARG A 250 1.94 -17.93 21.84
C ARG A 250 2.36 -19.38 22.06
N SER A 251 3.54 -19.59 22.64
CA SER A 251 4.02 -20.95 22.88
C SER A 251 3.62 -21.45 24.27
N GLU A 252 4.04 -22.68 24.59
CA GLU A 252 3.73 -23.29 25.87
C GLU A 252 4.21 -22.43 27.03
N ARG B 8 -16.23 10.78 -3.36
CA ARG B 8 -15.84 12.18 -3.67
C ARG B 8 -14.47 12.52 -3.09
N HIS B 9 -13.84 11.53 -2.47
CA HIS B 9 -12.52 11.69 -1.86
C HIS B 9 -11.40 11.43 -2.86
N LYS B 10 -10.81 12.51 -3.37
CA LYS B 10 -9.74 12.40 -4.35
C LYS B 10 -8.36 12.27 -3.70
OH ALY B 11 -0.35 6.13 -4.27
CH ALY B 11 -1.08 5.79 -5.18
CH3 ALY B 11 -0.83 4.51 -5.94
NZ ALY B 11 -2.22 6.56 -5.59
CE ALY B 11 -2.45 7.82 -4.83
CD ALY B 11 -3.85 8.36 -5.11
CG ALY B 11 -4.17 9.65 -4.35
CB ALY B 11 -5.59 10.08 -4.68
CA ALY B 11 -6.17 11.19 -3.79
N ALY B 11 -7.52 11.42 -4.29
C ALY B 11 -5.31 12.44 -3.90
O ALY B 11 -5.19 13.04 -4.97
N LEU B 12 -4.70 12.84 -2.80
CA LEU B 12 -3.84 14.02 -2.79
C LEU B 12 -2.65 13.77 -1.88
N MET B 13 -1.58 14.52 -2.07
CA MET B 13 -0.40 14.38 -1.23
C MET B 13 -0.12 15.69 -0.53
N PHE B 14 0.12 15.60 0.77
CA PHE B 14 0.40 16.79 1.57
C PHE B 14 1.36 16.46 2.71
N LYS B 15 2.38 17.30 2.85
CA LYS B 15 3.40 17.13 3.88
C LYS B 15 3.42 18.39 4.73
N THR B 16 3.30 18.22 6.05
CA THR B 16 3.30 19.36 6.97
C THR B 16 4.61 20.14 6.88
ZN ZN C . -9.87 1.58 -27.30
O1 MES D . 0.39 19.32 -6.01
C2 MES D . 1.58 20.15 -6.07
C3 MES D . 2.57 19.69 -4.98
N4 MES D . 1.89 19.92 -3.62
C5 MES D . 0.56 19.14 -3.56
C6 MES D . -0.32 19.52 -4.75
C7 MES D . 2.78 19.54 -2.42
C8 MES D . 2.82 18.03 -2.10
S MES D . 3.88 17.76 -0.70
O1S MES D . 5.22 18.24 -1.05
O2S MES D . 3.86 16.32 -0.44
O3S MES D . 3.31 18.53 0.39
#